data_2PV7
#
_entry.id   2PV7
#
_cell.length_a   127.790
_cell.length_b   127.790
_cell.length_c   100.620
_cell.angle_alpha   90.000
_cell.angle_beta   90.000
_cell.angle_gamma   90.000
#
_symmetry.space_group_name_H-M   'P 41 21 2'
#
loop_
_entity.id
_entity.type
_entity.pdbx_description
1 polymer 'T-protein [Includes: Chorismate mutase (EC 5.4.99.5) (CM) and Prephenate dehydrogenase (EC 1.3.1.12) (PDH)]'
2 non-polymer TYROSINE
3 non-polymer NICOTINAMIDE-ADENINE-DINUCLEOTIDE
4 water water
#
_entity_poly.entity_id   1
_entity_poly.type   'polypeptide(L)'
_entity_poly.pdbx_seq_one_letter_code
;G(MSE)RESYANENQFGFKTINSDIHKIVIVGGYGKLGGLFARYLRASGYPISILDREDWAVAESILANADVVIVSVPIN
LTLETIERLKPYLTEN(MSE)LLADLTSVKREPLAK(MSE)LEVHTGAVLGLHP(MSE)FGADIAS(MSE)AKQVVVRCD
GRFPERYEWLLEQIQIWGAKIYQTNATEHDHN(MSE)TYIQALRHFSTFANGLHLSKQPINLANLLALSSPIYRLELA
(MSE)IGRLFAQDAELYADII(MSE)DKSENLAVIETLKQTYDEALTFFENNDRQGFIDAFHKVRDWFGDYSEQFLKESR
QLLQQANDLKQG
;
_entity_poly.pdbx_strand_id   A,B
#
loop_
_chem_comp.id
_chem_comp.type
_chem_comp.name
_chem_comp.formula
NAD non-polymer NICOTINAMIDE-ADENINE-DINUCLEOTIDE 'C21 H27 N7 O14 P2'
#
# COMPACT_ATOMS: atom_id res chain seq x y z
N GLY A 13 5.21 32.43 0.85
CA GLY A 13 6.45 33.25 1.02
C GLY A 13 7.55 32.38 1.63
N PHE A 14 8.70 32.33 0.98
CA PHE A 14 9.88 31.66 1.53
C PHE A 14 11.02 32.66 1.43
N LYS A 15 11.93 32.57 2.38
CA LYS A 15 13.18 33.35 2.38
C LYS A 15 13.94 33.14 1.05
N THR A 16 14.45 34.22 0.47
CA THR A 16 15.27 34.17 -0.74
C THR A 16 16.72 33.84 -0.31
N ILE A 17 17.19 32.63 -0.56
CA ILE A 17 18.55 32.26 -0.17
C ILE A 17 19.58 33.09 -0.94
N ASN A 18 19.36 33.27 -2.25
CA ASN A 18 20.34 33.92 -3.11
C ASN A 18 19.73 35.09 -3.93
N SER A 19 19.96 36.31 -3.49
CA SER A 19 19.27 37.46 -4.10
C SER A 19 19.89 37.91 -5.44
N ASP A 20 21.03 37.31 -5.78
CA ASP A 20 21.68 37.53 -7.06
C ASP A 20 21.08 36.69 -8.20
N ILE A 21 20.07 35.88 -7.91
CA ILE A 21 19.42 35.11 -8.96
C ILE A 21 18.22 35.93 -9.45
N HIS A 22 18.31 36.40 -10.69
CA HIS A 22 17.33 37.32 -11.27
C HIS A 22 16.43 36.71 -12.34
N LYS A 23 16.82 35.55 -12.85
CA LYS A 23 15.99 34.89 -13.83
C LYS A 23 16.27 33.40 -13.83
N ILE A 24 15.18 32.64 -13.65
CA ILE A 24 15.17 31.19 -13.77
C ILE A 24 14.20 30.78 -14.87
N VAL A 25 14.71 30.00 -15.81
CA VAL A 25 13.91 29.42 -16.89
C VAL A 25 13.56 27.93 -16.60
N ILE A 26 12.26 27.61 -16.59
CA ILE A 26 11.78 26.23 -16.47
C ILE A 26 11.28 25.74 -17.84
N VAL A 27 12.09 24.86 -18.45
CA VAL A 27 11.74 24.16 -19.67
C VAL A 27 10.74 23.03 -19.31
N GLY A 28 9.57 23.08 -19.89
CA GLY A 28 8.46 22.23 -19.50
C GLY A 28 7.67 22.84 -18.35
N GLY A 29 7.81 24.16 -18.15
CA GLY A 29 7.28 24.87 -16.98
C GLY A 29 5.76 24.93 -16.85
N TYR A 30 5.00 24.60 -17.90
CA TYR A 30 3.53 24.50 -17.74
C TYR A 30 3.08 23.12 -17.32
N GLY A 31 4.02 22.19 -17.16
CA GLY A 31 3.72 20.81 -16.78
C GLY A 31 3.42 20.69 -15.29
N LYS A 32 3.14 19.47 -14.87
CA LYS A 32 2.72 19.25 -13.49
C LYS A 32 3.87 19.56 -12.53
N LEU A 33 5.02 18.92 -12.74
CA LEU A 33 6.18 19.09 -11.87
C LEU A 33 6.92 20.43 -12.08
N GLY A 34 7.17 20.77 -13.34
CA GLY A 34 7.76 22.08 -13.67
C GLY A 34 6.93 23.22 -13.10
N GLY A 35 5.61 23.13 -13.24
CA GLY A 35 4.71 24.18 -12.73
C GLY A 35 4.77 24.28 -11.21
N LEU A 36 4.93 23.14 -10.54
CA LEU A 36 5.03 23.08 -9.10
C LEU A 36 6.32 23.77 -8.66
N PHE A 37 7.44 23.46 -9.31
CA PHE A 37 8.70 24.12 -8.98
C PHE A 37 8.69 25.59 -9.26
N ALA A 38 8.02 25.99 -10.34
CA ALA A 38 7.89 27.38 -10.68
C ALA A 38 7.12 28.12 -9.57
N ARG A 39 6.04 27.53 -9.05
CA ARG A 39 5.28 28.13 -7.95
C ARG A 39 6.13 28.27 -6.66
N TYR A 40 6.96 27.26 -6.35
CA TYR A 40 7.79 27.34 -5.14
C TYR A 40 8.87 28.39 -5.25
N LEU A 41 9.49 28.46 -6.42
CA LEU A 41 10.56 29.42 -6.66
C LEU A 41 10.05 30.85 -6.77
N ARG A 42 8.87 31.05 -7.39
CA ARG A 42 8.26 32.39 -7.41
C ARG A 42 7.98 32.86 -5.99
N ALA A 43 7.40 31.96 -5.18
CA ALA A 43 7.14 32.24 -3.79
C ALA A 43 8.42 32.45 -2.96
N SER A 44 9.60 32.12 -3.52
CA SER A 44 10.89 32.35 -2.83
C SER A 44 11.64 33.56 -3.38
N GLY A 45 10.97 34.31 -4.25
CA GLY A 45 11.44 35.63 -4.70
C GLY A 45 12.25 35.59 -5.99
N TYR A 46 12.16 34.49 -6.74
CA TYR A 46 12.92 34.30 -7.96
C TYR A 46 11.98 34.53 -9.16
N PRO A 47 12.34 35.47 -10.06
CA PRO A 47 11.59 35.61 -11.33
C PRO A 47 11.75 34.39 -12.25
N ILE A 48 10.60 33.88 -12.71
CA ILE A 48 10.48 32.67 -13.50
C ILE A 48 9.98 33.02 -14.91
N SER A 49 10.70 32.52 -15.92
CA SER A 49 10.20 32.44 -17.30
C SER A 49 10.05 30.98 -17.74
N ILE A 50 8.99 30.71 -18.49
CA ILE A 50 8.60 29.37 -18.87
C ILE A 50 8.98 29.13 -20.31
N LEU A 51 9.57 27.98 -20.58
CA LEU A 51 9.78 27.53 -21.97
C LEU A 51 9.08 26.16 -22.22
N ASP A 52 7.88 26.19 -22.79
CA ASP A 52 7.11 24.96 -22.93
C ASP A 52 6.98 24.62 -24.43
N ARG A 53 6.11 23.66 -24.75
CA ARG A 53 6.11 22.96 -26.03
C ARG A 53 6.05 23.89 -27.26
N GLU A 54 5.34 25.02 -27.13
CA GLU A 54 5.10 25.94 -28.25
C GLU A 54 6.11 27.10 -28.32
N ASP A 55 7.02 27.18 -27.35
CA ASP A 55 7.73 28.44 -27.07
C ASP A 55 9.11 28.55 -27.71
N TRP A 56 9.49 27.56 -28.51
CA TRP A 56 10.87 27.47 -29.01
C TRP A 56 11.24 28.49 -30.07
N ALA A 57 10.23 29.02 -30.77
CA ALA A 57 10.44 30.05 -31.78
C ALA A 57 10.88 31.35 -31.11
N VAL A 58 10.48 31.55 -29.86
CA VAL A 58 10.94 32.71 -29.07
C VAL A 58 11.91 32.32 -27.93
N ALA A 59 12.58 31.18 -28.08
CA ALA A 59 13.56 30.69 -27.09
C ALA A 59 14.76 31.62 -26.83
N GLU A 60 15.18 32.38 -27.84
CA GLU A 60 16.30 33.30 -27.68
C GLU A 60 16.01 34.33 -26.60
N SER A 61 14.86 35.00 -26.71
CA SER A 61 14.42 35.98 -25.69
C SER A 61 14.04 35.33 -24.36
N ILE A 62 13.50 34.11 -24.39
CA ILE A 62 13.16 33.43 -23.15
C ILE A 62 14.43 33.08 -22.37
N LEU A 63 15.43 32.52 -23.06
CA LEU A 63 16.66 32.07 -22.38
C LEU A 63 17.68 33.19 -22.13
N ALA A 64 17.51 34.31 -22.82
CA ALA A 64 18.38 35.49 -22.65
C ALA A 64 18.51 35.96 -21.20
N ASN A 65 19.76 36.07 -20.71
CA ASN A 65 20.09 36.57 -19.36
C ASN A 65 19.65 35.66 -18.20
N ALA A 66 19.33 34.41 -18.50
CA ALA A 66 18.97 33.42 -17.50
C ALA A 66 20.18 33.11 -16.61
N ASP A 67 19.93 33.01 -15.31
CA ASP A 67 20.95 32.58 -14.36
C ASP A 67 20.90 31.04 -14.17
N VAL A 68 19.72 30.48 -14.45
CA VAL A 68 19.42 29.09 -14.18
C VAL A 68 18.42 28.64 -15.21
N VAL A 69 18.66 27.42 -15.71
CA VAL A 69 17.75 26.74 -16.60
C VAL A 69 17.48 25.35 -15.99
N ILE A 70 16.20 25.05 -15.74
CA ILE A 70 15.78 23.75 -15.21
C ILE A 70 14.96 22.95 -16.25
N VAL A 71 15.37 21.71 -16.53
CA VAL A 71 14.68 20.84 -17.51
C VAL A 71 13.68 19.89 -16.83
N SER A 72 12.43 19.99 -17.25
CA SER A 72 11.34 19.25 -16.65
C SER A 72 10.28 18.89 -17.72
N VAL A 73 10.74 18.07 -18.67
CA VAL A 73 9.96 17.62 -19.82
C VAL A 73 9.81 16.08 -19.77
N PRO A 74 8.92 15.52 -20.60
CA PRO A 74 8.82 14.06 -20.56
C PRO A 74 10.19 13.37 -20.68
N ILE A 75 10.33 12.25 -19.97
CA ILE A 75 11.59 11.51 -19.96
C ILE A 75 12.09 11.18 -21.37
N ASN A 76 11.16 10.77 -22.26
CA ASN A 76 11.48 10.38 -23.60
C ASN A 76 11.90 11.56 -24.50
N LEU A 77 11.67 12.80 -24.05
CA LEU A 77 12.09 14.02 -24.79
C LEU A 77 13.22 14.76 -24.13
N THR A 78 13.67 14.26 -22.98
CA THR A 78 14.64 14.96 -22.14
C THR A 78 16.06 15.19 -22.78
N LEU A 79 16.64 14.16 -23.37
CA LEU A 79 18.01 14.27 -23.92
C LEU A 79 18.07 15.18 -25.17
N GLU A 80 17.08 15.01 -26.08
CA GLU A 80 16.98 15.90 -27.25
C GLU A 80 16.62 17.34 -26.82
N THR A 81 15.92 17.53 -25.70
CA THR A 81 15.62 18.88 -25.20
C THR A 81 16.88 19.56 -24.63
N ILE A 82 17.71 18.82 -23.90
CA ILE A 82 18.99 19.35 -23.42
C ILE A 82 19.86 19.75 -24.60
N GLU A 83 19.97 18.85 -25.57
CA GLU A 83 20.78 19.14 -26.78
C GLU A 83 20.37 20.47 -27.45
N ARG A 84 19.05 20.66 -27.53
CA ARG A 84 18.42 21.82 -28.17
C ARG A 84 18.68 23.14 -27.43
N LEU A 85 19.06 23.06 -26.15
CA LEU A 85 19.43 24.26 -25.34
C LEU A 85 20.82 24.81 -25.60
N LYS A 86 21.73 23.95 -26.07
CA LYS A 86 23.17 24.30 -26.22
C LYS A 86 23.45 25.69 -26.83
N PRO A 87 22.76 26.08 -27.93
CA PRO A 87 23.06 27.41 -28.50
C PRO A 87 22.68 28.62 -27.62
N TYR A 88 21.79 28.43 -26.66
CA TYR A 88 21.35 29.56 -25.81
C TYR A 88 22.02 29.63 -24.45
N LEU A 89 22.81 28.61 -24.11
CA LEU A 89 23.49 28.52 -22.81
C LEU A 89 24.81 29.26 -22.82
N THR A 90 25.12 29.89 -21.70
CA THR A 90 26.39 30.59 -21.48
C THR A 90 26.98 30.06 -20.16
N GLU A 91 28.30 30.16 -20.01
CA GLU A 91 29.04 29.45 -18.93
C GLU A 91 28.57 29.73 -17.51
N ASN A 92 28.07 30.95 -17.29
CA ASN A 92 27.71 31.42 -15.94
C ASN A 92 26.42 30.79 -15.46
N MSE A 93 25.66 30.21 -16.38
CA MSE A 93 24.37 29.62 -16.02
C MSE A 93 24.56 28.36 -15.20
O MSE A 93 25.62 27.71 -15.26
CB MSE A 93 23.55 29.28 -17.28
CG MSE A 93 23.54 30.45 -18.31
SE MSE A 93 22.06 30.22 -19.56
CE MSE A 93 22.03 32.04 -20.46
N LEU A 94 23.53 28.05 -14.40
CA LEU A 94 23.39 26.76 -13.79
C LEU A 94 22.40 26.03 -14.66
N LEU A 95 22.78 24.81 -15.05
CA LEU A 95 21.87 23.91 -15.76
C LEU A 95 21.49 22.72 -14.84
N ALA A 96 20.21 22.40 -14.79
CA ALA A 96 19.72 21.37 -13.91
C ALA A 96 18.47 20.70 -14.49
N ASP A 97 18.13 19.53 -13.95
CA ASP A 97 16.97 18.81 -14.40
C ASP A 97 16.21 18.22 -13.22
N LEU A 98 15.03 17.70 -13.48
CA LEU A 98 14.20 17.06 -12.47
C LEU A 98 13.88 15.62 -12.91
N THR A 99 14.65 15.10 -13.85
CA THR A 99 14.26 13.85 -14.53
C THR A 99 14.37 12.64 -13.59
N SER A 100 13.49 11.65 -13.80
CA SER A 100 13.36 10.47 -12.95
C SER A 100 14.53 9.50 -13.14
N VAL A 101 15.31 9.70 -14.20
CA VAL A 101 16.53 8.95 -14.46
C VAL A 101 17.66 9.92 -14.52
N LYS A 102 18.85 9.52 -14.07
CA LYS A 102 19.93 10.49 -13.82
C LYS A 102 21.20 10.33 -14.60
N ARG A 103 21.55 9.09 -14.93
CA ARG A 103 22.84 8.87 -15.53
C ARG A 103 22.92 9.48 -16.95
N GLU A 104 21.90 9.32 -17.78
CA GLU A 104 21.95 9.85 -19.16
CA GLU A 104 22.00 9.84 -19.15
C GLU A 104 21.67 11.34 -19.20
N PRO A 105 20.63 11.78 -18.46
CA PRO A 105 20.44 13.24 -18.45
C PRO A 105 21.64 14.03 -17.89
N LEU A 106 22.28 13.56 -16.83
CA LEU A 106 23.43 14.26 -16.25
C LEU A 106 24.59 14.35 -17.24
N ALA A 107 24.95 13.21 -17.84
CA ALA A 107 26.03 13.19 -18.85
C ALA A 107 25.80 14.17 -20.02
N LYS A 108 24.55 14.27 -20.45
CA LYS A 108 24.20 15.08 -21.61
C LYS A 108 24.20 16.57 -21.21
N MSE A 109 23.77 16.88 -19.99
CA MSE A 109 23.95 18.23 -19.44
C MSE A 109 25.43 18.62 -19.33
O MSE A 109 25.78 19.73 -19.74
CB MSE A 109 23.25 18.37 -18.07
CG MSE A 109 21.75 18.39 -18.22
SE MSE A 109 20.93 18.95 -16.54
CE MSE A 109 21.53 17.51 -15.48
N LEU A 110 26.29 17.72 -18.84
CA LEU A 110 27.75 17.99 -18.81
C LEU A 110 28.34 18.10 -20.20
N GLU A 111 27.71 17.43 -21.17
CA GLU A 111 28.19 17.45 -22.55
C GLU A 111 27.89 18.80 -23.23
N VAL A 112 26.69 19.35 -23.05
CA VAL A 112 26.30 20.54 -23.81
C VAL A 112 26.57 21.87 -23.09
N HIS A 113 26.94 21.83 -21.81
CA HIS A 113 27.14 23.04 -20.97
C HIS A 113 28.52 22.95 -20.26
N THR A 114 29.26 24.07 -20.23
CA THR A 114 30.61 24.13 -19.63
C THR A 114 30.53 24.64 -18.18
N GLY A 115 29.35 25.13 -17.80
CA GLY A 115 29.14 25.73 -16.48
C GLY A 115 28.64 24.76 -15.44
N ALA A 116 28.09 25.32 -14.37
CA ALA A 116 27.54 24.53 -13.25
C ALA A 116 26.42 23.62 -13.74
N VAL A 117 26.46 22.36 -13.26
CA VAL A 117 25.48 21.34 -13.64
C VAL A 117 25.05 20.54 -12.40
N LEU A 118 23.75 20.44 -12.23
CA LEU A 118 23.16 19.68 -11.11
C LEU A 118 22.02 18.77 -11.57
N GLY A 119 22.14 17.49 -11.21
CA GLY A 119 21.04 16.54 -11.39
C GLY A 119 20.15 16.46 -10.14
N LEU A 120 18.85 16.59 -10.34
CA LEU A 120 17.84 16.41 -9.30
C LEU A 120 16.80 15.37 -9.72
N HIS A 121 16.31 14.64 -8.73
CA HIS A 121 15.16 13.79 -8.93
C HIS A 121 14.26 14.01 -7.72
N PRO A 122 13.20 14.82 -7.89
CA PRO A 122 12.13 14.91 -6.87
C PRO A 122 11.40 13.60 -6.75
N MSE A 123 11.42 13.00 -5.57
CA MSE A 123 10.82 11.69 -5.35
C MSE A 123 9.30 11.82 -5.02
O MSE A 123 8.77 11.14 -4.14
CB MSE A 123 11.59 10.94 -4.24
CG MSE A 123 13.07 10.72 -4.53
SE MSE A 123 13.19 9.48 -6.01
CE MSE A 123 12.38 7.92 -5.07
N PHE A 124 8.58 12.65 -5.77
CA PHE A 124 7.16 12.88 -5.44
C PHE A 124 6.44 13.43 -6.65
N GLY A 125 5.11 13.33 -6.65
CA GLY A 125 4.29 13.88 -7.75
C GLY A 125 3.90 15.31 -7.44
N ALA A 126 3.29 15.95 -8.44
CA ALA A 126 2.94 17.38 -8.33
C ALA A 126 1.74 17.70 -7.43
N ASP A 127 1.03 16.68 -6.95
CA ASP A 127 -0.17 16.89 -6.16
C ASP A 127 0.13 17.08 -4.66
N ILE A 128 1.40 17.10 -4.28
CA ILE A 128 1.74 17.37 -2.87
C ILE A 128 1.14 18.69 -2.39
N ALA A 129 0.68 18.72 -1.15
CA ALA A 129 0.13 19.96 -0.59
C ALA A 129 1.23 20.82 0.06
N SER A 130 2.38 20.19 0.33
CA SER A 130 3.56 20.91 0.77
C SER A 130 4.82 20.02 0.57
N MSE A 131 6.00 20.63 0.67
CA MSE A 131 7.24 19.91 0.50
C MSE A 131 7.72 19.31 1.81
O MSE A 131 8.78 18.65 1.86
CB MSE A 131 8.29 20.87 0.02
CG MSE A 131 8.05 21.39 -1.35
SE MSE A 131 9.21 20.43 -2.57
CE MSE A 131 8.74 21.47 -4.24
N ALA A 132 7.00 19.52 2.89
CA ALA A 132 7.46 18.95 4.17
C ALA A 132 7.74 17.43 4.09
N LYS A 133 8.98 17.05 4.40
CA LYS A 133 9.40 15.66 4.51
C LYS A 133 9.52 14.94 3.16
N GLN A 134 9.33 15.66 2.05
CA GLN A 134 9.59 15.10 0.72
C GLN A 134 11.08 15.01 0.43
N VAL A 135 11.48 14.02 -0.35
CA VAL A 135 12.87 13.80 -0.67
C VAL A 135 13.19 14.24 -2.11
N VAL A 136 14.31 14.97 -2.27
CA VAL A 136 14.92 15.28 -3.58
C VAL A 136 16.31 14.69 -3.62
N VAL A 137 16.55 13.80 -4.60
CA VAL A 137 17.88 13.26 -4.81
C VAL A 137 18.72 14.22 -5.59
N ARG A 138 19.97 14.34 -5.11
CA ARG A 138 21.00 15.21 -5.63
C ARG A 138 22.13 14.38 -6.20
N CYS A 139 22.46 14.62 -7.48
CA CYS A 139 23.61 14.01 -8.15
C CYS A 139 24.39 15.15 -8.76
N ASP A 140 25.59 15.35 -8.26
CA ASP A 140 26.42 16.44 -8.69
C ASP A 140 26.94 16.23 -10.10
N GLY A 141 26.86 17.30 -10.89
CA GLY A 141 27.46 17.33 -12.22
C GLY A 141 28.81 18.02 -12.12
N ARG A 142 28.77 19.33 -11.92
CA ARG A 142 29.95 20.19 -11.96
C ARG A 142 29.72 21.48 -11.16
N PHE A 143 30.70 21.83 -10.33
CA PHE A 143 30.75 23.09 -9.57
C PHE A 143 29.67 23.18 -8.47
N PRO A 144 29.67 22.23 -7.53
CA PRO A 144 28.59 22.26 -6.53
C PRO A 144 28.58 23.52 -5.65
N GLU A 145 29.73 24.13 -5.42
CA GLU A 145 29.81 25.41 -4.67
C GLU A 145 28.90 26.48 -5.31
N ARG A 146 28.71 26.40 -6.62
CA ARG A 146 27.87 27.35 -7.33
C ARG A 146 26.39 27.13 -7.14
N TYR A 147 25.97 25.94 -6.71
CA TYR A 147 24.55 25.68 -6.56
C TYR A 147 24.11 25.27 -5.17
N GLU A 148 25.01 25.35 -4.18
CA GLU A 148 24.61 25.13 -2.79
C GLU A 148 23.39 25.97 -2.41
N TRP A 149 23.31 27.22 -2.86
CA TRP A 149 22.14 28.09 -2.55
C TRP A 149 20.79 27.39 -2.91
N LEU A 150 20.74 26.66 -4.02
CA LEU A 150 19.51 26.08 -4.51
C LEU A 150 19.14 24.85 -3.68
N LEU A 151 20.16 24.09 -3.26
CA LEU A 151 19.97 22.94 -2.38
C LEU A 151 19.43 23.42 -1.04
N GLU A 152 19.92 24.56 -0.57
CA GLU A 152 19.42 25.20 0.65
C GLU A 152 18.04 25.77 0.46
N GLN A 153 17.77 26.29 -0.72
CA GLN A 153 16.44 26.84 -1.03
C GLN A 153 15.38 25.76 -0.98
N ILE A 154 15.69 24.60 -1.55
CA ILE A 154 14.77 23.47 -1.55
C ILE A 154 14.48 23.01 -0.11
N GLN A 155 15.50 23.03 0.73
CA GLN A 155 15.32 22.72 2.15
C GLN A 155 14.53 23.75 2.90
N ILE A 156 14.62 25.02 2.50
CA ILE A 156 13.76 26.06 3.10
C ILE A 156 12.28 25.70 2.91
N TRP A 157 11.94 25.10 1.77
CA TRP A 157 10.57 24.68 1.52
C TRP A 157 10.16 23.46 2.36
N GLY A 158 11.12 22.72 2.92
CA GLY A 158 10.83 21.62 3.86
C GLY A 158 11.25 20.26 3.35
N ALA A 159 11.77 20.21 2.12
CA ALA A 159 12.26 18.96 1.53
C ALA A 159 13.61 18.58 2.11
N LYS A 160 13.93 17.29 2.02
CA LYS A 160 15.18 16.66 2.41
C LYS A 160 15.97 16.39 1.15
N ILE A 161 17.26 16.67 1.21
CA ILE A 161 18.16 16.34 0.10
C ILE A 161 18.91 15.07 0.48
N TYR A 162 18.93 14.10 -0.43
CA TYR A 162 19.82 12.94 -0.25
C TYR A 162 20.73 12.85 -1.48
N GLN A 163 22.04 12.66 -1.24
CA GLN A 163 23.04 12.70 -2.30
C GLN A 163 23.53 11.32 -2.70
N THR A 164 23.66 11.10 -4.01
CA THR A 164 24.28 9.87 -4.55
C THR A 164 24.99 10.24 -5.86
N ASN A 165 25.73 9.31 -6.43
CA ASN A 165 26.14 9.47 -7.85
C ASN A 165 24.98 9.00 -8.76
N ALA A 166 25.00 9.40 -10.03
CA ALA A 166 23.87 9.10 -10.92
C ALA A 166 23.70 7.58 -11.17
N THR A 167 24.79 6.83 -11.20
CA THR A 167 24.77 5.38 -11.38
C THR A 167 24.09 4.69 -10.20
N GLU A 168 24.45 5.07 -8.99
CA GLU A 168 23.81 4.50 -7.81
C GLU A 168 22.33 4.95 -7.69
N HIS A 169 22.01 6.17 -8.07
CA HIS A 169 20.65 6.62 -8.09
C HIS A 169 19.85 5.68 -9.01
N ASP A 170 20.35 5.54 -10.23
CA ASP A 170 19.65 4.76 -11.21
C ASP A 170 19.49 3.28 -10.78
N HIS A 171 20.53 2.72 -10.17
CA HIS A 171 20.49 1.37 -9.60
C HIS A 171 19.40 1.22 -8.56
N ASN A 172 19.28 2.18 -7.64
CA ASN A 172 18.24 2.14 -6.62
C ASN A 172 16.82 2.29 -7.16
N MSE A 173 16.67 3.17 -8.16
CA MSE A 173 15.37 3.34 -8.82
C MSE A 173 14.90 2.03 -9.48
O MSE A 173 13.71 1.85 -9.62
CB MSE A 173 15.38 4.47 -9.88
CG MSE A 173 15.58 5.87 -9.36
SE MSE A 173 14.47 6.33 -7.86
CE MSE A 173 15.87 6.52 -6.56
N THR A 174 15.81 1.13 -9.85
CA THR A 174 15.40 -0.22 -10.36
C THR A 174 14.39 -0.90 -9.39
N TYR A 175 14.65 -0.78 -8.10
CA TYR A 175 13.85 -1.37 -7.02
C TYR A 175 12.76 -0.46 -6.51
N ILE A 176 13.09 0.83 -6.34
CA ILE A 176 12.17 1.77 -5.74
C ILE A 176 11.02 2.05 -6.72
N GLN A 177 11.35 2.26 -8.00
CA GLN A 177 10.34 2.67 -8.98
C GLN A 177 10.00 1.60 -9.99
N ALA A 178 10.98 1.16 -10.79
CA ALA A 178 10.66 0.24 -11.90
C ALA A 178 9.96 -1.02 -11.43
N LEU A 179 10.59 -1.72 -10.49
CA LEU A 179 10.00 -2.89 -9.90
C LEU A 179 8.60 -2.62 -9.29
N ARG A 180 8.52 -1.59 -8.45
CA ARG A 180 7.28 -1.37 -7.68
C ARG A 180 6.13 -0.96 -8.59
N HIS A 181 6.38 -0.02 -9.50
CA HIS A 181 5.32 0.45 -10.40
C HIS A 181 4.92 -0.62 -11.42
N PHE A 182 5.86 -1.43 -11.89
CA PHE A 182 5.48 -2.52 -12.79
C PHE A 182 4.54 -3.50 -12.07
N SER A 183 4.93 -3.85 -10.86
CA SER A 183 4.13 -4.80 -10.08
C SER A 183 2.72 -4.24 -9.76
N THR A 184 2.64 -2.97 -9.34
CA THR A 184 1.33 -2.31 -9.12
C THR A 184 0.51 -2.25 -10.43
N PHE A 185 1.17 -1.91 -11.54
CA PHE A 185 0.54 -1.97 -12.82
C PHE A 185 -0.07 -3.35 -13.10
N ALA A 186 0.72 -4.42 -12.94
CA ALA A 186 0.22 -5.79 -13.21
C ALA A 186 -0.93 -6.18 -12.25
N ASN A 187 -0.88 -5.71 -11.01
CA ASN A 187 -1.98 -5.97 -10.08
C ASN A 187 -3.28 -5.25 -10.46
N GLY A 188 -3.21 -4.03 -10.97
CA GLY A 188 -4.41 -3.28 -11.38
C GLY A 188 -4.96 -3.87 -12.67
N LEU A 189 -4.04 -4.23 -13.59
CA LEU A 189 -4.41 -4.89 -14.80
C LEU A 189 -5.22 -6.14 -14.46
N HIS A 190 -4.73 -6.93 -13.52
CA HIS A 190 -5.32 -8.19 -13.15
C HIS A 190 -6.68 -7.97 -12.55
N LEU A 191 -6.75 -7.01 -11.63
CA LEU A 191 -8.01 -6.65 -10.94
C LEU A 191 -9.07 -6.22 -11.93
N SER A 192 -8.65 -5.45 -12.92
CA SER A 192 -9.57 -5.00 -13.94
C SER A 192 -10.21 -6.10 -14.78
N LYS A 193 -9.67 -7.32 -14.73
CA LYS A 193 -10.21 -8.47 -15.47
C LYS A 193 -11.08 -9.38 -14.60
N GLN A 194 -11.21 -9.08 -13.31
CA GLN A 194 -11.93 -9.97 -12.41
C GLN A 194 -13.42 -9.67 -12.43
N PRO A 195 -14.27 -10.70 -12.14
CA PRO A 195 -15.74 -10.56 -12.11
C PRO A 195 -16.19 -9.98 -10.74
N ILE A 196 -15.82 -8.72 -10.50
CA ILE A 196 -16.11 -8.03 -9.25
C ILE A 196 -16.43 -6.59 -9.52
N ASN A 197 -17.10 -5.94 -8.59
CA ASN A 197 -17.38 -4.53 -8.64
C ASN A 197 -16.64 -3.86 -7.48
N LEU A 198 -15.82 -2.87 -7.79
CA LEU A 198 -14.95 -2.21 -6.81
C LEU A 198 -15.70 -1.64 -5.61
N ALA A 199 -16.80 -0.92 -5.87
CA ALA A 199 -17.63 -0.40 -4.79
C ALA A 199 -18.04 -1.50 -3.79
N ASN A 200 -18.34 -2.71 -4.27
CA ASN A 200 -18.69 -3.81 -3.39
C ASN A 200 -17.50 -4.27 -2.53
N LEU A 201 -16.31 -4.30 -3.10
CA LEU A 201 -15.08 -4.65 -2.34
C LEU A 201 -14.83 -3.59 -1.27
N LEU A 202 -15.01 -2.33 -1.64
CA LEU A 202 -14.80 -1.19 -0.72
C LEU A 202 -15.74 -1.17 0.49
N ALA A 203 -16.97 -1.61 0.28
CA ALA A 203 -17.98 -1.69 1.36
C ALA A 203 -17.60 -2.72 2.44
N LEU A 204 -16.84 -3.75 2.05
CA LEU A 204 -16.31 -4.73 3.02
C LEU A 204 -14.98 -4.38 3.64
N SER A 205 -14.38 -3.30 3.18
CA SER A 205 -13.02 -2.93 3.49
C SER A 205 -12.92 -1.92 4.65
N SER A 206 -12.21 -2.33 5.71
CA SER A 206 -11.78 -1.46 6.76
C SER A 206 -10.73 -0.50 6.18
N PRO A 207 -10.32 0.50 6.93
CA PRO A 207 -9.26 1.41 6.40
C PRO A 207 -8.02 0.75 5.84
N ILE A 208 -7.46 -0.29 6.48
CA ILE A 208 -6.27 -0.91 5.94
C ILE A 208 -6.54 -1.57 4.57
N TYR A 209 -7.70 -2.21 4.43
CA TYR A 209 -8.08 -2.87 3.22
C TYR A 209 -8.45 -1.86 2.13
N ARG A 210 -9.00 -0.72 2.52
CA ARG A 210 -9.21 0.34 1.54
C ARG A 210 -7.87 0.86 1.01
N LEU A 211 -6.87 0.94 1.88
CA LEU A 211 -5.57 1.43 1.52
C LEU A 211 -4.84 0.42 0.61
N GLU A 212 -5.02 -0.87 0.83
CA GLU A 212 -4.53 -1.90 -0.11
C GLU A 212 -4.97 -1.63 -1.56
N LEU A 213 -6.25 -1.35 -1.75
CA LEU A 213 -6.75 -1.01 -3.09
C LEU A 213 -6.37 0.40 -3.54
N ALA A 214 -6.45 1.36 -2.64
CA ALA A 214 -6.02 2.73 -2.96
C ALA A 214 -4.63 2.83 -3.54
N MSE A 215 -3.72 2.01 -3.01
CA MSE A 215 -2.31 2.02 -3.40
C MSE A 215 -2.11 1.47 -4.80
O MSE A 215 -1.10 1.78 -5.43
CB MSE A 215 -1.44 1.22 -2.41
CG MSE A 215 -1.23 1.89 -1.03
SE MSE A 215 -0.41 3.61 -1.05
CE MSE A 215 1.38 2.99 -1.45
N ILE A 216 -3.08 0.70 -5.29
CA ILE A 216 -3.08 0.26 -6.67
C ILE A 216 -3.79 1.28 -7.60
N GLY A 217 -5.02 1.63 -7.26
CA GLY A 217 -5.86 2.50 -8.11
C GLY A 217 -5.25 3.88 -8.28
N ARG A 218 -4.52 4.37 -7.28
CA ARG A 218 -3.88 5.72 -7.41
C ARG A 218 -2.79 5.85 -8.52
N LEU A 219 -2.17 4.73 -8.91
CA LEU A 219 -1.25 4.70 -10.03
C LEU A 219 -1.92 5.21 -11.32
N PHE A 220 -3.16 4.78 -11.52
CA PHE A 220 -3.86 4.94 -12.78
C PHE A 220 -4.48 6.31 -12.98
N ALA A 221 -4.55 7.07 -11.89
CA ALA A 221 -4.84 8.50 -11.98
C ALA A 221 -3.70 9.32 -12.57
N GLN A 222 -2.48 8.77 -12.68
CA GLN A 222 -1.32 9.52 -13.13
C GLN A 222 -1.01 9.25 -14.60
N ASP A 223 0.03 9.90 -15.16
CA ASP A 223 0.39 9.81 -16.61
C ASP A 223 1.02 8.47 -16.94
N ALA A 224 0.37 7.74 -17.85
CA ALA A 224 0.85 6.43 -18.32
C ALA A 224 2.24 6.52 -18.96
N GLU A 225 2.49 7.62 -19.68
CA GLU A 225 3.78 7.89 -20.35
C GLU A 225 4.94 7.93 -19.37
N LEU A 226 4.74 8.62 -18.26
CA LEU A 226 5.72 8.69 -17.18
C LEU A 226 6.16 7.31 -16.66
N TYR A 227 5.19 6.46 -16.34
CA TYR A 227 5.51 5.14 -15.79
C TYR A 227 6.08 4.22 -16.90
N ALA A 228 5.61 4.40 -18.12
CA ALA A 228 6.17 3.62 -19.27
C ALA A 228 7.65 3.90 -19.44
N ASP A 229 8.02 5.18 -19.41
CA ASP A 229 9.41 5.61 -19.56
C ASP A 229 10.25 5.25 -18.35
N ILE A 230 9.71 5.39 -17.15
CA ILE A 230 10.44 4.91 -15.98
C ILE A 230 10.75 3.41 -16.00
N ILE A 231 9.76 2.59 -16.32
CA ILE A 231 9.93 1.15 -16.24
C ILE A 231 10.83 0.70 -17.37
N MSE A 232 10.69 1.30 -18.52
CA MSE A 232 11.48 0.89 -19.66
C MSE A 232 12.85 1.53 -19.73
O MSE A 232 13.60 1.09 -20.62
CB MSE A 232 10.72 1.12 -20.96
CG MSE A 232 9.55 0.18 -21.04
SE MSE A 232 8.31 0.26 -22.60
CE MSE A 232 9.47 1.12 -23.90
N ASN A 237 16.33 -3.22 -14.91
CA ASN A 237 14.80 -2.95 -14.77
C ASN A 237 14.05 -4.15 -15.33
N LEU A 238 14.29 -4.47 -16.59
CA LEU A 238 13.68 -5.65 -17.21
C LEU A 238 14.07 -6.94 -16.44
N ALA A 239 15.35 -7.06 -16.07
CA ALA A 239 15.85 -8.18 -15.27
C ALA A 239 15.08 -8.36 -13.97
N VAL A 240 14.87 -7.28 -13.22
CA VAL A 240 14.24 -7.43 -11.91
C VAL A 240 12.76 -7.80 -12.06
N ILE A 241 12.11 -7.28 -13.10
CA ILE A 241 10.73 -7.67 -13.34
C ILE A 241 10.63 -9.08 -13.85
N GLU A 242 11.61 -9.55 -14.64
CA GLU A 242 11.64 -10.93 -15.03
C GLU A 242 11.86 -11.87 -13.83
N THR A 243 12.73 -11.50 -12.91
CA THR A 243 12.91 -12.34 -11.70
C THR A 243 11.63 -12.37 -10.82
N LEU A 244 10.87 -11.28 -10.80
CA LEU A 244 9.59 -11.22 -10.03
C LEU A 244 8.68 -12.22 -10.60
N LYS A 245 8.69 -12.29 -11.93
CA LYS A 245 7.97 -13.37 -12.58
C LYS A 245 8.43 -14.76 -12.01
N GLN A 246 9.71 -15.03 -11.86
CA GLN A 246 10.21 -16.31 -11.25
C GLN A 246 9.74 -16.55 -9.78
N THR A 247 9.71 -15.48 -8.99
CA THR A 247 9.26 -15.56 -7.57
C THR A 247 7.75 -15.88 -7.45
N TYR A 248 6.94 -15.34 -8.36
CA TYR A 248 5.51 -15.64 -8.43
C TYR A 248 5.34 -17.12 -8.59
N ASP A 249 6.14 -17.72 -9.47
CA ASP A 249 6.13 -19.18 -9.61
C ASP A 249 6.44 -20.01 -8.37
N GLU A 250 7.51 -19.64 -7.66
CA GLU A 250 7.94 -20.28 -6.42
C GLU A 250 6.84 -20.19 -5.36
N ALA A 251 6.23 -19.00 -5.26
CA ALA A 251 5.15 -18.75 -4.32
C ALA A 251 3.92 -19.62 -4.60
N LEU A 252 3.57 -19.71 -5.88
CA LEU A 252 2.39 -20.44 -6.32
C LEU A 252 2.51 -21.92 -6.02
N THR A 253 3.74 -22.42 -6.15
CA THR A 253 4.06 -23.81 -5.90
C THR A 253 3.62 -24.26 -4.52
N PHE A 254 3.78 -23.40 -3.51
CA PHE A 254 3.32 -23.79 -2.15
C PHE A 254 1.82 -24.10 -2.14
N PHE A 255 1.04 -23.32 -2.90
CA PHE A 255 -0.41 -23.48 -2.89
C PHE A 255 -0.87 -24.60 -3.84
N GLU A 256 -0.17 -24.77 -4.94
CA GLU A 256 -0.47 -25.89 -5.84
C GLU A 256 -0.16 -27.22 -5.19
N ASN A 257 0.90 -27.29 -4.41
CA ASN A 257 1.31 -28.53 -3.75
C ASN A 257 0.73 -28.66 -2.35
N ASN A 258 -0.14 -27.73 -1.98
CA ASN A 258 -0.72 -27.68 -0.63
C ASN A 258 0.36 -27.83 0.45
N ASP A 259 1.46 -27.08 0.26
CA ASP A 259 2.63 -27.10 1.17
C ASP A 259 2.59 -25.95 2.17
N ARG A 260 1.81 -26.13 3.21
CA ARG A 260 1.56 -25.11 4.21
C ARG A 260 2.80 -24.75 5.02
N GLN A 261 3.52 -25.76 5.53
CA GLN A 261 4.74 -25.53 6.26
C GLN A 261 5.78 -24.84 5.41
N GLY A 262 5.90 -25.25 4.14
CA GLY A 262 6.80 -24.57 3.19
C GLY A 262 6.53 -23.06 3.09
N PHE A 263 5.25 -22.70 2.91
CA PHE A 263 4.84 -21.32 2.91
C PHE A 263 5.20 -20.61 4.23
N ILE A 264 4.84 -21.24 5.35
CA ILE A 264 5.12 -20.64 6.66
C ILE A 264 6.62 -20.42 6.86
N ASP A 265 7.45 -21.41 6.47
CA ASP A 265 8.88 -21.28 6.58
C ASP A 265 9.42 -20.14 5.70
N ALA A 266 8.90 -20.02 4.48
CA ALA A 266 9.28 -18.92 3.60
C ALA A 266 8.86 -17.56 4.14
N PHE A 267 7.64 -17.48 4.68
CA PHE A 267 7.14 -16.24 5.31
C PHE A 267 8.04 -15.77 6.44
N HIS A 268 8.42 -16.70 7.31
CA HIS A 268 9.40 -16.42 8.40
C HIS A 268 10.75 -15.91 7.93
N LYS A 269 11.26 -16.46 6.83
CA LYS A 269 12.54 -16.02 6.25
C LYS A 269 12.42 -14.61 5.69
N VAL A 270 11.28 -14.26 5.07
CA VAL A 270 11.07 -12.88 4.62
C VAL A 270 11.02 -11.86 5.79
N ARG A 271 10.33 -12.22 6.86
CA ARG A 271 10.31 -11.42 8.08
C ARG A 271 11.72 -11.13 8.57
N ASP A 272 12.58 -12.14 8.59
CA ASP A 272 13.96 -11.95 8.99
C ASP A 272 14.79 -11.06 8.09
N TRP A 273 14.46 -11.03 6.79
CA TRP A 273 15.05 -10.08 5.87
C TRP A 273 14.62 -8.62 6.15
N PHE A 274 13.34 -8.39 6.37
CA PHE A 274 12.86 -7.06 6.80
C PHE A 274 13.40 -6.66 8.17
N GLY A 275 13.63 -7.64 9.05
CA GLY A 275 14.11 -7.37 10.38
C GLY A 275 13.06 -6.56 11.13
N ASP A 276 13.53 -5.61 11.96
CA ASP A 276 12.67 -4.81 12.79
C ASP A 276 11.84 -3.83 11.97
N TYR A 277 12.17 -3.63 10.69
CA TYR A 277 11.32 -2.85 9.79
C TYR A 277 9.91 -3.40 9.64
N SER A 278 9.72 -4.71 9.71
CA SER A 278 8.33 -5.25 9.64
C SER A 278 7.43 -4.65 10.71
N GLU A 279 7.89 -4.73 11.95
CA GLU A 279 7.14 -4.18 13.07
C GLU A 279 7.03 -2.64 13.04
N GLN A 280 8.07 -1.95 12.59
CA GLN A 280 8.03 -0.51 12.44
C GLN A 280 7.02 -0.09 11.38
N PHE A 281 7.01 -0.79 10.26
CA PHE A 281 6.01 -0.54 9.20
C PHE A 281 4.58 -0.84 9.64
N LEU A 282 4.39 -1.89 10.45
CA LEU A 282 3.06 -2.15 11.02
C LEU A 282 2.58 -0.96 11.89
N LYS A 283 3.47 -0.44 12.73
CA LYS A 283 3.17 0.69 13.60
C LYS A 283 2.92 1.98 12.80
N GLU A 284 3.81 2.29 11.85
CA GLU A 284 3.65 3.50 11.06
C GLU A 284 2.35 3.51 10.30
N SER A 285 2.04 2.39 9.67
CA SER A 285 0.83 2.31 8.88
C SER A 285 -0.43 2.46 9.78
N ARG A 286 -0.37 1.90 10.98
CA ARG A 286 -1.48 1.99 11.93
C ARG A 286 -1.71 3.43 12.35
N GLN A 287 -0.61 4.10 12.65
CA GLN A 287 -0.65 5.50 13.05
C GLN A 287 -1.17 6.42 11.96
N LEU A 288 -0.73 6.18 10.72
CA LEU A 288 -1.18 6.95 9.55
C LEU A 288 -2.69 6.88 9.38
N LEU A 289 -3.25 5.68 9.53
CA LEU A 289 -4.68 5.47 9.40
C LEU A 289 -5.50 5.93 10.60
N GLN A 290 -4.89 5.93 11.78
CA GLN A 290 -5.60 6.39 12.97
C GLN A 290 -5.75 7.90 12.95
N GLN A 291 -4.66 8.61 12.68
CA GLN A 291 -4.73 10.06 12.42
C GLN A 291 -5.85 10.45 11.44
N ALA A 292 -5.92 9.78 10.27
CA ALA A 292 -6.98 10.05 9.24
C ALA A 292 -8.38 10.40 9.79
N GLY B 13 -14.17 3.04 28.46
CA GLY B 13 -15.54 2.83 29.04
C GLY B 13 -16.60 3.03 27.98
N PHE B 14 -17.51 2.07 27.84
CA PHE B 14 -18.56 2.11 26.83
C PHE B 14 -19.90 1.76 27.47
N LYS B 15 -20.95 2.32 26.91
CA LYS B 15 -22.30 2.02 27.31
C LYS B 15 -22.56 0.51 27.20
N THR B 16 -23.22 -0.02 28.21
CA THR B 16 -23.68 -1.40 28.22
C THR B 16 -25.03 -1.51 27.51
N ILE B 17 -25.03 -1.99 26.28
CA ILE B 17 -26.31 -2.12 25.52
C ILE B 17 -27.28 -3.11 26.16
N ASN B 18 -26.81 -4.27 26.62
CA ASN B 18 -27.70 -5.30 27.16
C ASN B 18 -27.22 -5.73 28.53
N SER B 19 -27.85 -5.19 29.57
CA SER B 19 -27.48 -5.51 30.96
C SER B 19 -27.97 -6.89 31.47
N ASP B 20 -28.74 -7.59 30.65
CA ASP B 20 -29.13 -8.95 30.96
C ASP B 20 -28.10 -10.00 30.56
N ILE B 21 -27.00 -9.57 29.94
CA ILE B 21 -25.90 -10.46 29.60
C ILE B 21 -24.87 -10.50 30.74
N HIS B 22 -24.83 -11.62 31.48
CA HIS B 22 -24.01 -11.71 32.67
C HIS B 22 -22.73 -12.54 32.52
N LYS B 23 -22.56 -13.22 31.38
CA LYS B 23 -21.36 -14.05 31.15
C LYS B 23 -21.10 -14.26 29.66
N ILE B 24 -19.95 -13.82 29.20
CA ILE B 24 -19.51 -14.05 27.83
C ILE B 24 -18.22 -14.86 27.91
N VAL B 25 -18.19 -16.00 27.20
CA VAL B 25 -16.99 -16.82 27.07
C VAL B 25 -16.32 -16.58 25.74
N ILE B 26 -15.02 -16.29 25.75
CA ILE B 26 -14.27 -16.18 24.50
CA ILE B 26 -14.23 -16.16 24.51
C ILE B 26 -13.32 -17.37 24.38
N VAL B 27 -13.64 -18.21 23.39
CA VAL B 27 -12.85 -19.40 23.08
C VAL B 27 -11.68 -18.94 22.23
N GLY B 28 -10.49 -19.13 22.76
CA GLY B 28 -9.30 -18.47 22.25
C GLY B 28 -9.04 -17.06 22.74
N GLY B 29 -9.62 -16.70 23.87
CA GLY B 29 -9.57 -15.35 24.40
C GLY B 29 -8.26 -14.79 24.95
N TYR B 30 -7.20 -15.62 25.05
CA TYR B 30 -5.87 -15.07 25.30
C TYR B 30 -5.18 -14.73 23.98
N GLY B 31 -5.84 -14.98 22.86
CA GLY B 31 -5.24 -14.70 21.55
C GLY B 31 -5.25 -13.18 21.29
N LYS B 32 -4.63 -12.79 20.19
CA LYS B 32 -4.56 -11.39 19.81
C LYS B 32 -5.96 -10.80 19.55
N LEU B 33 -6.70 -11.42 18.65
CA LEU B 33 -8.04 -10.91 18.32
C LEU B 33 -9.08 -11.17 19.44
N GLY B 34 -9.07 -12.38 19.99
CA GLY B 34 -9.98 -12.75 21.08
C GLY B 34 -9.77 -11.88 22.29
N GLY B 35 -8.51 -11.64 22.62
CA GLY B 35 -8.13 -10.75 23.66
C GLY B 35 -8.60 -9.32 23.45
N LEU B 36 -8.48 -8.85 22.24
CA LEU B 36 -8.95 -7.50 21.90
C LEU B 36 -10.45 -7.38 22.17
N PHE B 37 -11.24 -8.31 21.64
CA PHE B 37 -12.69 -8.33 21.91
C PHE B 37 -13.00 -8.51 23.37
N ALA B 38 -12.22 -9.32 24.09
CA ALA B 38 -12.38 -9.41 25.54
C ALA B 38 -12.23 -8.05 26.25
N ARG B 39 -11.19 -7.31 25.90
CA ARG B 39 -10.98 -5.98 26.44
C ARG B 39 -12.16 -5.00 26.17
N TYR B 40 -12.59 -4.94 24.92
CA TYR B 40 -13.71 -4.09 24.53
C TYR B 40 -15.00 -4.50 25.23
N LEU B 41 -15.26 -5.80 25.31
CA LEU B 41 -16.43 -6.29 26.05
C LEU B 41 -16.38 -6.00 27.57
N ARG B 42 -15.25 -6.25 28.22
CA ARG B 42 -15.11 -5.87 29.63
C ARG B 42 -15.29 -4.36 29.86
N ALA B 43 -14.76 -3.56 28.94
CA ALA B 43 -14.89 -2.12 29.00
C ALA B 43 -16.33 -1.60 28.75
N SER B 44 -17.17 -2.48 28.25
CA SER B 44 -18.59 -2.26 28.04
C SER B 44 -19.46 -2.83 29.11
N GLY B 45 -18.85 -3.35 30.17
CA GLY B 45 -19.60 -3.81 31.30
C GLY B 45 -19.98 -5.30 31.29
N TYR B 46 -19.42 -6.09 30.41
CA TYR B 46 -19.73 -7.55 30.38
C TYR B 46 -18.64 -8.38 31.04
N PRO B 47 -19.04 -9.30 31.97
CA PRO B 47 -18.09 -10.27 32.51
C PRO B 47 -17.65 -11.26 31.45
N ILE B 48 -16.34 -11.41 31.35
CA ILE B 48 -15.69 -12.29 30.37
C ILE B 48 -15.00 -13.45 31.07
N SER B 49 -15.25 -14.67 30.58
CA SER B 49 -14.47 -15.87 30.89
C SER B 49 -13.71 -16.37 29.65
N ILE B 50 -12.51 -16.83 29.86
CA ILE B 50 -11.64 -17.26 28.79
C ILE B 50 -11.54 -18.78 28.76
N LEU B 51 -11.74 -19.35 27.59
CA LEU B 51 -11.45 -20.76 27.36
C LEU B 51 -10.41 -20.86 26.25
N ASP B 52 -9.15 -21.00 26.64
CA ASP B 52 -8.05 -21.04 25.69
C ASP B 52 -7.45 -22.48 25.65
N ARG B 53 -6.28 -22.64 25.02
CA ARG B 53 -5.76 -23.95 24.62
C ARG B 53 -5.57 -24.91 25.80
N GLU B 54 -5.18 -24.38 26.96
CA GLU B 54 -4.92 -25.24 28.12
CA GLU B 54 -4.88 -25.15 28.18
C GLU B 54 -6.07 -25.34 29.12
N ASP B 55 -7.25 -24.85 28.75
CA ASP B 55 -8.41 -24.77 29.69
C ASP B 55 -9.51 -25.82 29.49
N TRP B 56 -9.35 -26.76 28.59
CA TRP B 56 -10.48 -27.65 28.29
C TRP B 56 -10.87 -28.62 29.41
N ALA B 57 -9.96 -28.94 30.32
CA ALA B 57 -10.32 -29.76 31.50
C ALA B 57 -11.53 -29.16 32.22
N VAL B 58 -11.57 -27.83 32.28
CA VAL B 58 -12.66 -27.12 32.98
C VAL B 58 -13.59 -26.36 32.06
N ALA B 59 -13.74 -26.83 30.83
CA ALA B 59 -14.69 -26.28 29.87
C ALA B 59 -16.10 -26.28 30.42
N GLU B 60 -16.46 -27.35 31.12
CA GLU B 60 -17.83 -27.46 31.64
C GLU B 60 -18.13 -26.27 32.57
N SER B 61 -17.22 -25.97 33.49
CA SER B 61 -17.49 -24.91 34.46
C SER B 61 -17.27 -23.54 33.81
N ILE B 62 -16.38 -23.45 32.83
CA ILE B 62 -16.19 -22.18 32.13
C ILE B 62 -17.45 -21.82 31.33
N LEU B 63 -18.06 -22.82 30.71
CA LEU B 63 -19.21 -22.59 29.82
C LEU B 63 -20.54 -22.58 30.56
N ALA B 64 -20.55 -23.11 31.78
CA ALA B 64 -21.76 -23.15 32.57
C ALA B 64 -22.35 -21.75 32.71
N ASN B 65 -23.62 -21.62 32.35
CA ASN B 65 -24.38 -20.36 32.55
C ASN B 65 -23.93 -19.20 31.66
N ALA B 66 -23.17 -19.49 30.61
CA ALA B 66 -22.80 -18.50 29.61
C ALA B 66 -24.05 -18.03 28.88
N ASP B 67 -24.13 -16.72 28.64
CA ASP B 67 -25.14 -16.19 27.71
C ASP B 67 -24.63 -16.16 26.26
N VAL B 68 -23.31 -16.06 26.10
CA VAL B 68 -22.68 -15.86 24.80
C VAL B 68 -21.38 -16.65 24.78
N VAL B 69 -21.13 -17.34 23.67
CA VAL B 69 -19.86 -18.00 23.40
C VAL B 69 -19.32 -17.50 22.05
N ILE B 70 -18.13 -16.91 22.09
CA ILE B 70 -17.43 -16.42 20.89
C ILE B 70 -16.17 -17.22 20.60
N VAL B 71 -16.07 -17.71 19.36
CA VAL B 71 -14.94 -18.56 18.92
C VAL B 71 -13.98 -17.73 18.09
N SER B 72 -12.74 -17.63 18.58
CA SER B 72 -11.66 -16.88 17.97
C SER B 72 -10.37 -17.73 18.11
N VAL B 73 -10.34 -18.86 17.42
CA VAL B 73 -9.16 -19.76 17.47
C VAL B 73 -8.57 -19.82 16.06
N PRO B 74 -7.38 -20.40 15.89
CA PRO B 74 -6.82 -20.53 14.54
C PRO B 74 -7.78 -21.14 13.52
N ILE B 75 -7.78 -20.59 12.31
CA ILE B 75 -8.68 -21.07 11.26
C ILE B 75 -8.71 -22.62 11.15
N ASN B 76 -7.54 -23.25 11.14
CA ASN B 76 -7.40 -24.68 10.98
C ASN B 76 -7.88 -25.51 12.20
N LEU B 77 -8.24 -24.86 13.32
CA LEU B 77 -8.82 -25.52 14.49
C LEU B 77 -10.28 -25.12 14.76
N THR B 78 -10.82 -24.23 13.93
CA THR B 78 -12.10 -23.64 14.20
C THR B 78 -13.24 -24.64 14.16
N LEU B 79 -13.30 -25.48 13.14
CA LEU B 79 -14.46 -26.39 13.00
C LEU B 79 -14.41 -27.45 14.08
N GLU B 80 -13.24 -27.99 14.37
CA GLU B 80 -13.18 -29.00 15.44
C GLU B 80 -13.49 -28.40 16.84
N THR B 81 -13.11 -27.14 17.02
CA THR B 81 -13.39 -26.40 18.26
C THR B 81 -14.87 -26.14 18.46
N ILE B 82 -15.55 -25.75 17.39
CA ILE B 82 -16.99 -25.60 17.41
C ILE B 82 -17.70 -26.94 17.79
N GLU B 83 -17.24 -28.05 17.21
CA GLU B 83 -17.82 -29.35 17.51
C GLU B 83 -17.59 -29.72 19.00
N ARG B 84 -16.41 -29.41 19.49
CA ARG B 84 -16.05 -29.69 20.87
C ARG B 84 -16.92 -28.93 21.88
N LEU B 85 -17.47 -27.79 21.49
CA LEU B 85 -18.37 -27.03 22.35
C LEU B 85 -19.76 -27.68 22.51
N LYS B 86 -20.13 -28.56 21.58
CA LYS B 86 -21.50 -29.08 21.47
C LYS B 86 -22.16 -29.53 22.79
N PRO B 87 -21.47 -30.34 23.64
CA PRO B 87 -22.12 -30.81 24.86
C PRO B 87 -22.52 -29.74 25.87
N TYR B 88 -21.94 -28.54 25.77
CA TYR B 88 -22.10 -27.49 26.78
C TYR B 88 -23.04 -26.36 26.37
N LEU B 89 -23.44 -26.36 25.11
CA LEU B 89 -24.33 -25.36 24.59
C LEU B 89 -25.77 -25.65 25.00
N THR B 90 -26.47 -24.60 25.40
CA THR B 90 -27.88 -24.61 25.63
C THR B 90 -28.59 -23.59 24.69
N GLU B 91 -29.88 -23.75 24.53
CA GLU B 91 -30.61 -23.08 23.46
C GLU B 91 -30.68 -21.55 23.60
N ASN B 92 -30.75 -21.09 24.86
CA ASN B 92 -30.71 -19.65 25.18
C ASN B 92 -29.42 -18.91 24.84
N MSE B 93 -28.33 -19.65 24.59
CA MSE B 93 -27.05 -19.00 24.36
C MSE B 93 -26.95 -18.48 22.95
O MSE B 93 -27.52 -19.04 22.04
CB MSE B 93 -25.88 -19.97 24.59
CG MSE B 93 -25.79 -20.58 25.94
SE MSE B 93 -24.24 -21.69 26.09
CE MSE B 93 -24.46 -22.35 27.89
N LEU B 94 -26.11 -17.45 22.79
CA LEU B 94 -25.68 -17.00 21.48
C LEU B 94 -24.32 -17.62 21.20
N LEU B 95 -24.23 -18.29 20.06
CA LEU B 95 -22.96 -18.74 19.54
C LEU B 95 -22.52 -17.86 18.38
N ALA B 96 -21.27 -17.37 18.42
CA ALA B 96 -20.70 -16.53 17.40
C ALA B 96 -19.22 -16.86 17.17
N ASP B 97 -18.69 -16.42 16.02
CA ASP B 97 -17.25 -16.57 15.73
C ASP B 97 -16.63 -15.28 15.19
N LEU B 98 -15.29 -15.27 15.08
CA LEU B 98 -14.60 -14.15 14.51
C LEU B 98 -13.76 -14.54 13.31
N THR B 99 -14.05 -15.72 12.76
CA THR B 99 -13.15 -16.36 11.80
C THR B 99 -13.11 -15.64 10.46
N SER B 100 -11.93 -15.68 9.81
CA SER B 100 -11.67 -15.02 8.52
C SER B 100 -12.43 -15.64 7.34
N VAL B 101 -13.00 -16.83 7.54
CA VAL B 101 -13.81 -17.52 6.56
C VAL B 101 -15.13 -17.80 7.22
N LYS B 102 -16.22 -17.78 6.45
CA LYS B 102 -17.55 -17.87 7.04
C LYS B 102 -18.46 -19.04 6.68
N ARG B 103 -18.44 -19.50 5.44
CA ARG B 103 -19.39 -20.53 5.00
CA ARG B 103 -19.38 -20.53 4.98
C ARG B 103 -19.32 -21.75 5.89
N GLU B 104 -18.12 -22.29 6.09
CA GLU B 104 -18.04 -23.54 6.83
C GLU B 104 -18.18 -23.33 8.35
N PRO B 105 -17.53 -22.31 8.94
CA PRO B 105 -17.83 -22.09 10.36
C PRO B 105 -19.32 -21.80 10.64
N LEU B 106 -19.98 -21.00 9.81
CA LEU B 106 -21.42 -20.71 10.05
C LEU B 106 -22.24 -22.01 9.96
N ALA B 107 -21.94 -22.83 8.97
CA ALA B 107 -22.69 -24.07 8.83
C ALA B 107 -22.46 -24.97 10.04
N LYS B 108 -21.27 -24.95 10.61
CA LYS B 108 -20.94 -25.88 11.69
C LYS B 108 -21.62 -25.40 12.97
N MSE B 109 -21.64 -24.08 13.18
CA MSE B 109 -22.33 -23.49 14.35
C MSE B 109 -23.83 -23.81 14.34
O MSE B 109 -24.43 -24.20 15.35
CB MSE B 109 -22.06 -21.97 14.43
CG MSE B 109 -20.66 -21.65 14.87
SE MSE B 109 -20.43 -19.74 15.19
CE MSE B 109 -20.72 -19.12 13.52
N LEU B 110 -24.44 -23.69 13.17
CA LEU B 110 -25.86 -24.00 13.01
C LEU B 110 -26.15 -25.50 13.22
N GLU B 111 -25.18 -26.35 12.88
CA GLU B 111 -25.29 -27.80 13.07
C GLU B 111 -25.18 -28.17 14.57
N VAL B 112 -24.24 -27.60 15.31
CA VAL B 112 -24.03 -27.99 16.71
C VAL B 112 -24.96 -27.30 17.71
N HIS B 113 -25.61 -26.20 17.31
CA HIS B 113 -26.35 -25.37 18.25
C HIS B 113 -27.74 -25.09 17.68
N THR B 114 -28.74 -25.15 18.56
CA THR B 114 -30.15 -24.89 18.20
C THR B 114 -30.63 -23.46 18.46
N GLY B 115 -29.77 -22.64 19.09
CA GLY B 115 -30.14 -21.29 19.41
C GLY B 115 -29.60 -20.28 18.41
N ALA B 116 -29.47 -19.06 18.90
CA ALA B 116 -28.98 -17.94 18.09
C ALA B 116 -27.54 -18.17 17.63
N VAL B 117 -27.30 -17.92 16.34
CA VAL B 117 -25.96 -18.10 15.72
C VAL B 117 -25.65 -16.88 14.84
N LEU B 118 -24.50 -16.23 15.11
CA LEU B 118 -24.03 -15.08 14.36
C LEU B 118 -22.59 -15.30 13.90
N GLY B 119 -22.34 -15.10 12.61
CA GLY B 119 -20.98 -15.16 12.05
C GLY B 119 -20.47 -13.75 11.93
N LEU B 120 -19.26 -13.50 12.45
CA LEU B 120 -18.56 -12.24 12.30
C LEU B 120 -17.16 -12.43 11.67
N HIS B 121 -16.72 -11.41 10.95
CA HIS B 121 -15.35 -11.26 10.42
C HIS B 121 -14.89 -9.83 10.61
N PRO B 122 -14.15 -9.61 11.71
CA PRO B 122 -13.50 -8.31 11.90
C PRO B 122 -12.38 -8.15 10.84
N MSE B 123 -12.52 -7.12 10.00
CA MSE B 123 -11.64 -6.86 8.86
C MSE B 123 -10.37 -6.09 9.26
O MSE B 123 -9.94 -5.17 8.59
CB MSE B 123 -12.43 -6.12 7.77
CG MSE B 123 -13.64 -6.89 7.25
SE MSE B 123 -13.05 -8.49 6.25
CE MSE B 123 -12.08 -7.63 4.93
N PHE B 124 -9.82 -6.46 10.40
CA PHE B 124 -8.65 -5.73 10.99
C PHE B 124 -7.92 -6.62 11.95
N GLY B 125 -6.66 -6.23 12.21
CA GLY B 125 -5.82 -6.95 13.11
C GLY B 125 -5.98 -6.39 14.50
N ALA B 126 -5.35 -7.11 15.44
CA ALA B 126 -5.46 -6.83 16.86
C ALA B 126 -4.66 -5.63 17.34
N ASP B 127 -3.86 -5.00 16.46
CA ASP B 127 -3.04 -3.86 16.82
C ASP B 127 -3.78 -2.52 16.70
N ILE B 128 -5.03 -2.52 16.28
CA ILE B 128 -5.80 -1.27 16.20
C ILE B 128 -5.80 -0.49 17.52
N ALA B 129 -5.69 0.83 17.43
CA ALA B 129 -5.69 1.71 18.61
C ALA B 129 -7.12 2.06 19.04
N SER B 130 -8.04 1.98 18.09
CA SER B 130 -9.43 2.12 18.37
C SER B 130 -10.25 1.45 17.27
N MSE B 131 -11.49 1.19 17.59
CA MSE B 131 -12.43 0.59 16.64
C MSE B 131 -13.05 1.58 15.66
O MSE B 131 -13.83 1.18 14.80
CB MSE B 131 -13.58 -0.05 17.43
CG MSE B 131 -13.18 -1.23 18.22
SE MSE B 131 -13.52 -2.83 17.09
CE MSE B 131 -12.84 -4.15 18.42
N ALA B 132 -12.73 2.86 15.78
CA ALA B 132 -13.35 3.87 14.91
C ALA B 132 -13.10 3.59 13.41
N LYS B 133 -14.21 3.43 12.70
CA LYS B 133 -14.32 3.22 11.24
C LYS B 133 -13.82 1.85 10.80
N GLN B 134 -13.53 0.95 11.73
CA GLN B 134 -13.14 -0.41 11.35
C GLN B 134 -14.39 -1.14 10.97
N VAL B 135 -14.27 -2.09 10.06
CA VAL B 135 -15.42 -2.84 9.53
C VAL B 135 -15.46 -4.24 10.10
N VAL B 136 -16.65 -4.69 10.49
CA VAL B 136 -16.91 -6.08 10.88
C VAL B 136 -18.03 -6.60 9.97
N VAL B 137 -17.76 -7.69 9.26
CA VAL B 137 -18.73 -8.31 8.41
C VAL B 137 -19.63 -9.22 9.21
N ARG B 138 -20.92 -9.01 9.00
CA ARG B 138 -22.02 -9.78 9.63
C ARG B 138 -22.61 -10.82 8.67
N CYS B 139 -22.64 -12.10 9.09
CA CYS B 139 -23.33 -13.14 8.34
C CYS B 139 -24.31 -13.80 9.28
N ASP B 140 -25.60 -13.60 9.05
CA ASP B 140 -26.57 -14.19 9.96
C ASP B 140 -26.64 -15.73 9.90
N GLY B 141 -26.80 -16.35 11.08
CA GLY B 141 -27.04 -17.78 11.20
C GLY B 141 -28.48 -18.04 11.53
N ARG B 142 -28.90 -17.65 12.72
CA ARG B 142 -30.25 -17.89 13.20
C ARG B 142 -30.59 -16.93 14.32
N PHE B 143 -31.85 -16.48 14.35
CA PHE B 143 -32.41 -15.59 15.37
C PHE B 143 -31.68 -14.22 15.52
N PRO B 144 -31.60 -13.46 14.42
CA PRO B 144 -30.84 -12.21 14.52
C PRO B 144 -31.39 -11.19 15.52
N GLU B 145 -32.71 -11.21 15.75
CA GLU B 145 -33.32 -10.40 16.83
C GLU B 145 -32.69 -10.67 18.22
N ARG B 146 -32.19 -11.89 18.45
CA ARG B 146 -31.56 -12.21 19.75
C ARG B 146 -30.15 -11.60 19.92
N TYR B 147 -29.51 -11.19 18.80
CA TYR B 147 -28.13 -10.64 18.85
C TYR B 147 -27.93 -9.24 18.30
N GLU B 148 -29.02 -8.60 17.94
CA GLU B 148 -29.01 -7.19 17.60
C GLU B 148 -28.22 -6.36 18.62
N TRP B 149 -28.40 -6.64 19.92
CA TRP B 149 -27.67 -5.95 20.98
C TRP B 149 -26.15 -6.00 20.76
N LEU B 150 -25.63 -7.14 20.32
CA LEU B 150 -24.20 -7.29 20.15
C LEU B 150 -23.72 -6.47 18.96
N LEU B 151 -24.48 -6.46 17.87
CA LEU B 151 -24.18 -5.63 16.71
C LEU B 151 -24.22 -4.17 17.07
N GLU B 152 -25.20 -3.77 17.86
CA GLU B 152 -25.22 -2.40 18.35
C GLU B 152 -24.04 -2.09 19.27
N GLN B 153 -23.66 -3.02 20.13
CA GLN B 153 -22.51 -2.81 21.02
C GLN B 153 -21.22 -2.53 20.27
N ILE B 154 -20.95 -3.33 19.26
CA ILE B 154 -19.81 -3.15 18.39
C ILE B 154 -19.80 -1.76 17.77
N GLN B 155 -20.96 -1.26 17.32
CA GLN B 155 -21.04 0.13 16.82
C GLN B 155 -20.81 1.22 17.84
N ILE B 156 -21.18 0.95 19.08
CA ILE B 156 -20.84 1.86 20.17
C ILE B 156 -19.33 2.09 20.24
N TRP B 157 -18.55 1.05 19.94
CA TRP B 157 -17.09 1.19 19.94
C TRP B 157 -16.59 2.03 18.75
N GLY B 158 -17.49 2.25 17.77
CA GLY B 158 -17.17 3.05 16.58
C GLY B 158 -17.02 2.22 15.31
N ALA B 159 -17.12 0.88 15.39
CA ALA B 159 -17.00 0.00 14.22
C ALA B 159 -18.24 0.13 13.36
N LYS B 160 -18.11 -0.23 12.10
CA LYS B 160 -19.17 -0.23 11.10
C LYS B 160 -19.44 -1.71 10.74
N ILE B 161 -20.71 -2.07 10.60
CA ILE B 161 -21.15 -3.45 10.29
C ILE B 161 -21.56 -3.46 8.81
N TYR B 162 -21.15 -4.47 8.04
CA TYR B 162 -21.65 -4.64 6.71
C TYR B 162 -22.13 -6.08 6.64
N GLN B 163 -23.31 -6.26 6.08
CA GLN B 163 -23.97 -7.57 6.05
C GLN B 163 -23.87 -8.27 4.70
N THR B 164 -23.51 -9.56 4.71
CA THR B 164 -23.57 -10.43 3.49
C THR B 164 -24.02 -11.80 3.93
N ASN B 165 -24.24 -12.70 2.98
CA ASN B 165 -24.37 -14.13 3.32
C ASN B 165 -22.96 -14.73 3.34
N ALA B 166 -22.80 -15.89 3.96
CA ALA B 166 -21.47 -16.47 4.22
C ALA B 166 -20.75 -16.89 2.93
N THR B 167 -21.52 -17.41 1.98
CA THR B 167 -20.98 -17.77 0.66
C THR B 167 -20.48 -16.56 -0.12
N GLU B 168 -21.27 -15.49 -0.19
CA GLU B 168 -20.83 -14.22 -0.78
C GLU B 168 -19.64 -13.60 -0.04
N HIS B 169 -19.64 -13.68 1.27
CA HIS B 169 -18.50 -13.23 2.06
C HIS B 169 -17.21 -13.93 1.56
N ASP B 170 -17.22 -15.26 1.52
CA ASP B 170 -16.03 -16.01 1.13
C ASP B 170 -15.65 -15.74 -0.33
N HIS B 171 -16.65 -15.60 -1.21
CA HIS B 171 -16.38 -15.18 -2.59
C HIS B 171 -15.64 -13.86 -2.69
N ASN B 172 -16.08 -12.86 -1.94
CA ASN B 172 -15.39 -11.58 -1.92
C ASN B 172 -13.96 -11.61 -1.31
N MSE B 173 -13.76 -12.46 -0.30
CA MSE B 173 -12.47 -12.63 0.32
C MSE B 173 -11.47 -13.23 -0.66
O MSE B 173 -10.25 -13.01 -0.56
CB MSE B 173 -12.57 -13.51 1.57
CG MSE B 173 -13.26 -12.90 2.76
SE MSE B 173 -12.86 -11.05 3.21
CE MSE B 173 -14.42 -10.27 2.77
N THR B 174 -11.95 -13.96 -1.66
CA THR B 174 -11.08 -14.44 -2.74
C THR B 174 -10.21 -13.29 -3.33
N TYR B 175 -10.85 -12.14 -3.52
CA TYR B 175 -10.23 -10.96 -4.13
C TYR B 175 -9.60 -10.03 -3.08
N ILE B 176 -10.34 -9.78 -2.01
CA ILE B 176 -9.93 -8.83 -0.97
C ILE B 176 -8.71 -9.37 -0.20
N GLN B 177 -8.67 -10.66 0.07
CA GLN B 177 -7.66 -11.25 0.96
C GLN B 177 -6.76 -12.25 0.26
N ALA B 178 -7.34 -13.29 -0.32
CA ALA B 178 -6.49 -14.36 -0.84
C ALA B 178 -5.57 -13.82 -1.93
N LEU B 179 -6.18 -13.17 -2.92
CA LEU B 179 -5.45 -12.56 -4.01
C LEU B 179 -4.45 -11.51 -3.50
N ARG B 180 -4.94 -10.61 -2.66
CA ARG B 180 -4.13 -9.45 -2.28
C ARG B 180 -2.94 -9.86 -1.40
N HIS B 181 -3.18 -10.75 -0.43
CA HIS B 181 -2.13 -11.19 0.49
C HIS B 181 -1.16 -12.16 -0.18
N PHE B 182 -1.67 -12.99 -1.08
CA PHE B 182 -0.75 -13.76 -1.94
C PHE B 182 0.21 -12.83 -2.68
N SER B 183 -0.35 -11.80 -3.28
CA SER B 183 0.45 -10.86 -4.08
C SER B 183 1.53 -10.13 -3.25
N THR B 184 1.14 -9.59 -2.10
CA THR B 184 2.05 -8.95 -1.19
C THR B 184 3.11 -9.90 -0.70
N PHE B 185 2.71 -11.15 -0.46
CA PHE B 185 3.65 -12.17 -0.04
C PHE B 185 4.74 -12.34 -1.12
N ALA B 186 4.32 -12.54 -2.37
CA ALA B 186 5.22 -12.73 -3.51
C ALA B 186 6.15 -11.50 -3.65
N ASN B 187 5.61 -10.29 -3.47
CA ASN B 187 6.42 -9.06 -3.57
CA ASN B 187 6.47 -9.11 -3.62
C ASN B 187 7.49 -9.00 -2.48
N GLY B 188 7.12 -9.39 -1.25
CA GLY B 188 8.09 -9.40 -0.16
C GLY B 188 9.14 -10.49 -0.34
N LEU B 189 8.70 -11.69 -0.74
CA LEU B 189 9.57 -12.77 -1.07
C LEU B 189 10.61 -12.33 -2.11
N HIS B 190 10.14 -11.61 -3.13
CA HIS B 190 10.99 -11.18 -4.21
C HIS B 190 12.04 -10.20 -3.76
N LEU B 191 11.62 -9.20 -3.00
CA LEU B 191 12.49 -8.21 -2.44
C LEU B 191 13.58 -8.84 -1.59
N SER B 192 13.19 -9.86 -0.81
CA SER B 192 14.10 -10.55 0.11
C SER B 192 15.23 -11.29 -0.61
N LYS B 193 15.06 -11.55 -1.91
CA LYS B 193 16.07 -12.22 -2.74
CA LYS B 193 16.05 -12.21 -2.75
C LYS B 193 16.95 -11.24 -3.50
N GLN B 194 16.67 -9.94 -3.39
CA GLN B 194 17.39 -8.95 -4.15
C GLN B 194 18.63 -8.49 -3.44
N PRO B 195 19.65 -8.10 -4.23
CA PRO B 195 20.94 -7.63 -3.74
C PRO B 195 20.83 -6.13 -3.42
N ILE B 196 20.11 -5.82 -2.32
CA ILE B 196 19.84 -4.45 -1.92
C ILE B 196 19.76 -4.40 -0.41
N ASN B 197 19.98 -3.22 0.16
CA ASN B 197 19.83 -3.00 1.60
C ASN B 197 18.65 -2.05 1.81
N LEU B 198 17.66 -2.50 2.57
CA LEU B 198 16.42 -1.80 2.72
C LEU B 198 16.59 -0.39 3.21
N ALA B 199 17.48 -0.17 4.19
CA ALA B 199 17.74 1.17 4.72
C ALA B 199 18.28 2.12 3.65
N ASN B 200 19.05 1.62 2.69
CA ASN B 200 19.49 2.46 1.56
C ASN B 200 18.29 2.90 0.66
N LEU B 201 17.37 1.99 0.43
CA LEU B 201 16.16 2.31 -0.35
C LEU B 201 15.30 3.36 0.41
N LEU B 202 15.16 3.16 1.73
CA LEU B 202 14.41 4.09 2.59
C LEU B 202 14.98 5.51 2.67
N ALA B 203 16.30 5.63 2.65
CA ALA B 203 16.91 6.98 2.61
C ALA B 203 16.53 7.78 1.36
N LEU B 204 16.22 7.12 0.24
CA LEU B 204 15.85 7.80 -1.02
C LEU B 204 14.36 7.97 -1.17
N SER B 205 13.59 7.50 -0.17
CA SER B 205 12.15 7.39 -0.28
C SER B 205 11.44 8.52 0.44
N SER B 206 10.68 9.28 -0.33
CA SER B 206 9.70 10.20 0.19
C SER B 206 8.59 9.41 0.88
N PRO B 207 7.69 10.10 1.57
CA PRO B 207 6.59 9.41 2.26
C PRO B 207 5.78 8.43 1.43
N ILE B 208 5.42 8.75 0.18
CA ILE B 208 4.65 7.81 -0.62
C ILE B 208 5.46 6.55 -0.92
N TYR B 209 6.75 6.71 -1.20
CA TYR B 209 7.61 5.59 -1.48
C TYR B 209 7.92 4.76 -0.26
N ARG B 210 8.04 5.40 0.89
CA ARG B 210 8.17 4.67 2.14
C ARG B 210 6.93 3.83 2.37
N LEU B 211 5.74 4.41 2.11
CA LEU B 211 4.50 3.71 2.31
C LEU B 211 4.37 2.48 1.36
N GLU B 212 4.84 2.61 0.12
CA GLU B 212 4.93 1.45 -0.80
C GLU B 212 5.66 0.25 -0.20
N LEU B 213 6.79 0.51 0.45
CA LEU B 213 7.50 -0.56 1.13
C LEU B 213 6.83 -1.00 2.40
N ALA B 214 6.27 -0.06 3.17
CA ALA B 214 5.59 -0.38 4.44
C ALA B 214 4.41 -1.34 4.27
N MSE B 215 3.67 -1.15 3.18
CA MSE B 215 2.53 -1.99 2.85
C MSE B 215 2.92 -3.42 2.53
O MSE B 215 2.08 -4.33 2.67
CB MSE B 215 1.74 -1.43 1.67
CG MSE B 215 0.98 -0.12 1.97
SE MSE B 215 -0.27 -0.17 3.39
CE MSE B 215 -1.64 -1.28 2.49
N ILE B 216 4.16 -3.63 2.14
CA ILE B 216 4.67 -4.99 1.90
C ILE B 216 5.24 -5.57 3.23
N GLY B 217 6.16 -4.83 3.85
CA GLY B 217 6.87 -5.29 5.07
C GLY B 217 5.93 -5.53 6.23
N ARG B 218 4.86 -4.74 6.35
CA ARG B 218 3.93 -4.91 7.49
C ARG B 218 3.20 -6.28 7.53
N LEU B 219 3.09 -6.93 6.37
CA LEU B 219 2.49 -8.24 6.29
C LEU B 219 3.26 -9.24 7.17
N PHE B 220 4.60 -9.12 7.15
CA PHE B 220 5.52 -10.12 7.73
C PHE B 220 5.71 -10.00 9.22
N ALA B 221 5.19 -8.92 9.81
CA ALA B 221 5.07 -8.75 11.25
C ALA B 221 3.92 -9.58 11.84
N GLN B 222 3.05 -10.10 10.99
CA GLN B 222 1.87 -10.84 11.41
C GLN B 222 2.11 -12.37 11.32
N ASP B 223 1.09 -13.15 11.68
CA ASP B 223 1.21 -14.62 11.78
C ASP B 223 1.10 -15.25 10.41
N ALA B 224 2.12 -16.02 10.06
CA ALA B 224 2.15 -16.73 8.79
C ALA B 224 0.98 -17.67 8.65
N GLU B 225 0.60 -18.33 9.74
CA GLU B 225 -0.46 -19.36 9.75
C GLU B 225 -1.80 -18.75 9.36
N LEU B 226 -2.05 -17.50 9.76
CA LEU B 226 -3.28 -16.82 9.38
C LEU B 226 -3.41 -16.68 7.88
N TYR B 227 -2.36 -16.13 7.27
CA TYR B 227 -2.33 -15.90 5.84
C TYR B 227 -2.31 -17.19 5.03
N ALA B 228 -1.66 -18.23 5.55
CA ALA B 228 -1.65 -19.54 4.90
C ALA B 228 -3.04 -20.14 4.79
N ASP B 229 -3.79 -20.08 5.90
CA ASP B 229 -5.10 -20.69 5.99
C ASP B 229 -6.14 -19.89 5.19
N ILE B 230 -5.99 -18.56 5.15
CA ILE B 230 -6.84 -17.74 4.30
C ILE B 230 -6.68 -18.12 2.82
N ILE B 231 -5.44 -18.13 2.35
CA ILE B 231 -5.15 -18.35 0.94
C ILE B 231 -5.50 -19.76 0.51
N MSE B 232 -5.28 -20.72 1.41
CA MSE B 232 -5.50 -22.15 1.16
CA MSE B 232 -5.51 -22.13 1.10
C MSE B 232 -6.95 -22.57 1.33
O MSE B 232 -7.28 -23.69 1.08
CB MSE B 232 -4.69 -23.00 2.15
CB MSE B 232 -4.58 -23.00 1.96
CG MSE B 232 -3.23 -23.16 1.83
CG MSE B 232 -3.18 -22.92 1.49
SE MSE B 232 -2.28 -24.14 3.26
SE MSE B 232 -1.86 -24.02 2.45
CE MSE B 232 -3.61 -25.53 3.70
CE MSE B 232 -0.31 -23.56 1.37
N ASP B 233 -7.81 -21.67 1.79
CA ASP B 233 -9.16 -22.08 2.17
C ASP B 233 -9.97 -22.79 1.10
N LYS B 234 -9.85 -22.38 -0.16
CA LYS B 234 -10.72 -22.96 -1.20
C LYS B 234 -10.12 -22.85 -2.57
N SER B 235 -10.54 -23.73 -3.48
CA SER B 235 -9.92 -23.84 -4.78
C SER B 235 -10.07 -22.58 -5.65
N GLU B 236 -11.13 -21.80 -5.40
CA GLU B 236 -11.31 -20.51 -6.06
C GLU B 236 -10.13 -19.55 -5.79
N ASN B 237 -9.52 -19.68 -4.62
CA ASN B 237 -8.38 -18.87 -4.25
C ASN B 237 -7.15 -19.25 -5.11
N LEU B 238 -6.91 -20.54 -5.29
CA LEU B 238 -5.79 -21.00 -6.15
C LEU B 238 -6.03 -20.51 -7.56
N ALA B 239 -7.27 -20.62 -8.02
CA ALA B 239 -7.61 -20.21 -9.38
C ALA B 239 -7.30 -18.73 -9.61
N VAL B 240 -7.68 -17.85 -8.67
CA VAL B 240 -7.46 -16.42 -8.87
C VAL B 240 -5.96 -16.06 -8.84
N ILE B 241 -5.17 -16.71 -7.99
CA ILE B 241 -3.72 -16.45 -7.98
C ILE B 241 -3.01 -17.03 -9.19
N GLU B 242 -3.52 -18.13 -9.75
CA GLU B 242 -2.98 -18.63 -11.02
C GLU B 242 -3.21 -17.59 -12.14
N THR B 243 -4.36 -16.94 -12.15
CA THR B 243 -4.64 -15.89 -13.15
C THR B 243 -3.80 -14.63 -12.97
N LEU B 244 -3.46 -14.27 -11.72
CA LEU B 244 -2.48 -13.18 -11.46
C LEU B 244 -1.16 -13.45 -12.19
N LYS B 245 -0.67 -14.68 -12.12
CA LYS B 245 0.55 -15.06 -12.86
C LYS B 245 0.40 -14.91 -14.39
N GLN B 246 -0.75 -15.34 -14.94
CA GLN B 246 -1.03 -15.12 -16.37
C GLN B 246 -1.05 -13.63 -16.73
N THR B 247 -1.61 -12.77 -15.86
CA THR B 247 -1.62 -11.33 -16.15
C THR B 247 -0.25 -10.70 -16.05
N TYR B 248 0.55 -11.15 -15.07
CA TYR B 248 1.91 -10.68 -14.93
C TYR B 248 2.67 -10.98 -16.25
N ASP B 249 2.46 -12.16 -16.81
CA ASP B 249 3.09 -12.53 -18.06
C ASP B 249 2.67 -11.60 -19.23
N GLU B 250 1.40 -11.27 -19.29
CA GLU B 250 0.85 -10.32 -20.26
C GLU B 250 1.46 -8.93 -20.12
N ALA B 251 1.61 -8.46 -18.90
CA ALA B 251 2.20 -7.15 -18.64
C ALA B 251 3.66 -7.11 -19.09
N LEU B 252 4.36 -8.17 -18.79
CA LEU B 252 5.79 -8.34 -19.10
C LEU B 252 6.07 -8.25 -20.58
N THR B 253 5.14 -8.79 -21.39
CA THR B 253 5.25 -8.79 -22.84
C THR B 253 5.48 -7.38 -23.38
N PHE B 254 4.81 -6.37 -22.79
CA PHE B 254 4.97 -4.99 -23.25
C PHE B 254 6.41 -4.49 -23.16
N PHE B 255 7.08 -4.89 -22.09
CA PHE B 255 8.44 -4.45 -21.81
C PHE B 255 9.47 -5.27 -22.58
N GLU B 256 9.18 -6.55 -22.83
CA GLU B 256 10.10 -7.38 -23.62
C GLU B 256 10.06 -6.93 -25.04
N ASN B 257 8.88 -6.53 -25.49
CA ASN B 257 8.67 -6.10 -26.87
C ASN B 257 8.95 -4.60 -27.08
N ASN B 258 9.30 -3.94 -25.98
CA ASN B 258 9.41 -2.49 -25.96
C ASN B 258 8.20 -1.76 -26.58
N ASP B 259 7.02 -2.23 -26.23
CA ASP B 259 5.77 -1.76 -26.82
C ASP B 259 5.16 -0.72 -25.88
N ARG B 260 5.69 0.50 -26.00
CA ARG B 260 5.31 1.61 -25.14
C ARG B 260 3.86 1.98 -25.31
N GLN B 261 3.40 2.03 -26.56
CA GLN B 261 2.01 2.37 -26.79
C GLN B 261 1.04 1.30 -26.31
N GLY B 262 1.41 0.03 -26.45
CA GLY B 262 0.59 -1.06 -25.91
C GLY B 262 0.41 -0.96 -24.41
N PHE B 263 1.50 -0.65 -23.71
CA PHE B 263 1.47 -0.41 -22.29
C PHE B 263 0.53 0.76 -21.93
N ILE B 264 0.70 1.89 -22.63
CA ILE B 264 -0.12 3.07 -22.40
C ILE B 264 -1.63 2.73 -22.62
N ASP B 265 -1.96 2.05 -23.71
CA ASP B 265 -3.35 1.69 -24.01
C ASP B 265 -3.95 0.83 -22.88
N ALA B 266 -3.20 -0.16 -22.41
CA ALA B 266 -3.62 -0.98 -21.29
C ALA B 266 -3.79 -0.19 -20.01
N PHE B 267 -2.83 0.71 -19.74
CA PHE B 267 -2.90 1.61 -18.55
C PHE B 267 -4.19 2.45 -18.58
N HIS B 268 -4.49 3.02 -19.74
CA HIS B 268 -5.73 3.80 -19.89
C HIS B 268 -7.01 2.95 -19.67
N LYS B 269 -7.03 1.71 -20.19
CA LYS B 269 -8.18 0.81 -19.96
C LYS B 269 -8.36 0.47 -18.49
N VAL B 270 -7.24 0.31 -17.77
CA VAL B 270 -7.32 0.01 -16.35
C VAL B 270 -7.87 1.23 -15.59
N ARG B 271 -7.44 2.43 -15.97
CA ARG B 271 -8.01 3.64 -15.36
C ARG B 271 -9.55 3.73 -15.55
N ASP B 272 -10.05 3.37 -16.73
CA ASP B 272 -11.51 3.37 -16.96
C ASP B 272 -12.27 2.33 -16.14
N TRP B 273 -11.60 1.26 -15.76
CA TRP B 273 -12.19 0.27 -14.88
C TRP B 273 -12.29 0.79 -13.43
N PHE B 274 -11.23 1.38 -12.90
CA PHE B 274 -11.32 2.06 -11.59
C PHE B 274 -12.33 3.23 -11.60
N GLY B 275 -12.46 3.89 -12.75
CA GLY B 275 -13.30 5.07 -12.87
C GLY B 275 -12.78 6.18 -11.96
N ASP B 276 -13.70 6.96 -11.40
CA ASP B 276 -13.35 8.07 -10.54
C ASP B 276 -12.66 7.64 -9.24
N TYR B 277 -12.65 6.34 -8.94
CA TYR B 277 -11.93 5.84 -7.76
C TYR B 277 -10.41 6.08 -7.89
N SER B 278 -9.85 6.07 -9.10
CA SER B 278 -8.42 6.37 -9.28
C SER B 278 -8.03 7.73 -8.68
N GLU B 279 -8.73 8.78 -9.09
CA GLU B 279 -8.52 10.14 -8.59
C GLU B 279 -8.86 10.31 -7.10
N GLN B 280 -9.90 9.62 -6.64
CA GLN B 280 -10.26 9.61 -5.21
C GLN B 280 -9.17 8.98 -4.34
N PHE B 281 -8.61 7.90 -4.81
CA PHE B 281 -7.53 7.22 -4.10
C PHE B 281 -6.23 8.05 -4.06
N LEU B 282 -5.96 8.77 -5.14
CA LEU B 282 -4.80 9.67 -5.24
C LEU B 282 -4.94 10.75 -4.17
N LYS B 283 -6.14 11.31 -4.08
CA LYS B 283 -6.43 12.36 -3.10
C LYS B 283 -6.42 11.85 -1.66
N GLU B 284 -7.06 10.73 -1.40
CA GLU B 284 -7.13 10.16 -0.06
C GLU B 284 -5.76 9.83 0.43
N SER B 285 -4.95 9.19 -0.43
CA SER B 285 -3.57 8.85 -0.06
C SER B 285 -2.67 10.08 0.24
N ARG B 286 -2.79 11.14 -0.57
CA ARG B 286 -2.11 12.39 -0.32
CA ARG B 286 -2.15 12.43 -0.33
C ARG B 286 -2.53 12.98 1.02
N GLN B 287 -3.83 13.03 1.30
CA GLN B 287 -4.28 13.56 2.59
C GLN B 287 -3.78 12.74 3.79
N LEU B 288 -3.78 11.43 3.66
CA LEU B 288 -3.28 10.53 4.69
C LEU B 288 -1.83 10.85 5.03
N LEU B 289 -1.02 11.05 4.00
CA LEU B 289 0.39 11.35 4.21
C LEU B 289 0.62 12.77 4.67
N GLN B 290 -0.26 13.70 4.32
CA GLN B 290 0.00 15.12 4.64
C GLN B 290 -0.22 15.30 6.11
N GLN B 291 -1.32 14.79 6.63
CA GLN B 291 -1.58 14.86 8.07
C GLN B 291 -0.65 13.96 8.94
N ALA B 292 0.08 13.01 8.32
CA ALA B 292 1.06 12.18 9.03
N TYR C . 5.26 7.43 -7.51
CA TYR C . 4.80 8.75 -7.00
C TYR C . 3.32 8.57 -6.66
O TYR C . 2.69 7.55 -7.10
CB TYR C . 4.96 9.87 -8.04
CG TYR C . 6.32 9.91 -8.72
CD1 TYR C . 7.46 10.25 -7.99
CD2 TYR C . 6.46 9.53 -10.04
CE1 TYR C . 8.74 10.27 -8.62
CE2 TYR C . 7.69 9.55 -10.67
CZ TYR C . 8.82 9.91 -9.97
OH TYR C . 10.07 9.91 -10.61
OXT TYR C . 2.79 9.44 -5.96
PA NAD D . 3.74 16.85 -17.78
O1A NAD D . 2.65 17.45 -16.98
O2A NAD D . 3.25 16.17 -19.03
O5B NAD D . 4.81 18.01 -18.04
C5B NAD D . 5.66 18.01 -19.17
C4B NAD D . 5.66 19.42 -19.79
O4B NAD D . 6.63 19.44 -20.80
C3B NAD D . 4.32 19.84 -20.40
O3B NAD D . 3.90 21.13 -19.93
C2B NAD D . 4.61 19.78 -21.90
O2B NAD D . 3.87 20.66 -22.70
C1B NAD D . 6.09 20.12 -21.92
N9A NAD D . 6.84 19.75 -23.13
C8A NAD D . 6.68 18.64 -23.95
N7A NAD D . 7.62 18.72 -24.92
C5A NAD D . 8.38 19.82 -24.74
C6A NAD D . 9.47 20.35 -25.43
N6A NAD D . 9.83 19.87 -26.61
N1A NAD D . 10.05 21.50 -24.95
C2A NAD D . 9.56 22.16 -23.83
N3A NAD D . 8.49 21.63 -23.15
C4A NAD D . 7.91 20.48 -23.60
O3 NAD D . 4.56 15.74 -16.92
PN NAD D . 5.56 16.01 -15.65
O1N NAD D . 5.41 17.38 -15.07
O2N NAD D . 5.29 14.85 -14.77
O5D NAD D . 6.96 15.59 -16.40
C5D NAD D . 8.15 16.23 -16.66
C4D NAD D . 9.34 15.63 -15.89
O4D NAD D . 8.88 15.44 -14.54
C3D NAD D . 10.04 14.31 -16.33
O3D NAD D . 11.46 14.57 -16.49
C2D NAD D . 9.71 13.38 -15.14
O2D NAD D . 10.58 12.28 -14.84
C1D NAD D . 9.64 14.38 -13.97
N1N NAD D . 9.02 13.91 -12.70
C2N NAD D . 7.66 13.74 -12.69
C3N NAD D . 7.04 13.34 -11.53
C7N NAD D . 5.54 13.33 -11.47
O7N NAD D . 4.97 12.55 -10.47
N7N NAD D . 4.76 14.04 -12.33
C4N NAD D . 7.83 13.09 -10.40
C5N NAD D . 9.22 13.22 -10.40
C6N NAD D . 9.81 13.64 -11.60
N TYR E . -4.86 -7.82 6.77
CA TYR E . -5.05 -7.03 8.00
C TYR E . -3.78 -6.23 8.14
O TYR E . -2.76 -6.57 7.53
CB TYR E . -5.22 -7.93 9.23
CG TYR E . -6.29 -9.01 9.02
CD1 TYR E . -7.65 -8.67 8.96
CD2 TYR E . -5.94 -10.30 8.75
CE1 TYR E . -8.63 -9.64 8.74
CE2 TYR E . -6.88 -11.26 8.53
CZ TYR E . -8.23 -10.94 8.52
OH TYR E . -9.21 -11.88 8.28
OXT TYR E . -3.74 -5.30 8.91
PA NAD F . -3.69 -16.04 18.04
O1A NAD F . -3.00 -14.91 18.67
O2A NAD F . -2.87 -17.18 17.68
O5B NAD F . -4.97 -16.46 18.91
C5B NAD F . -5.54 -17.75 18.85
C4B NAD F . -5.79 -18.25 20.26
O4B NAD F . -6.50 -19.51 20.20
C3B NAD F . -4.50 -18.45 21.03
O3B NAD F . -4.59 -17.79 22.27
C2B NAD F . -4.38 -19.96 21.21
O2B NAD F . -3.75 -20.41 22.41
C1B NAD F . -5.85 -20.34 21.15
N9A NAD F . -6.08 -21.77 20.84
C8A NAD F . -5.38 -22.67 20.04
N7A NAD F . -6.00 -23.86 20.10
C5A NAD F . -7.09 -23.73 20.93
C6A NAD F . -8.10 -24.59 21.33
N6A NAD F . -8.14 -25.88 20.95
N1A NAD F . -9.07 -24.09 22.18
C2A NAD F . -9.11 -22.78 22.64
N3A NAD F . -8.10 -21.92 22.22
C4A NAD F . -7.15 -22.40 21.37
O3 NAD F . -4.31 -15.57 16.62
PN NAD F . -5.62 -14.68 16.40
O1N NAD F . -5.89 -13.76 17.54
O2N NAD F . -5.37 -14.08 15.04
O5D NAD F . -6.84 -15.76 16.29
C5D NAD F . -7.10 -16.48 15.12
C4D NAD F . -8.57 -16.24 14.77
O4D NAD F . -8.86 -14.84 14.65
C3D NAD F . -8.99 -16.87 13.45
O3D NAD F . -10.37 -17.29 13.46
C2D NAD F . -8.80 -15.72 12.48
O2D NAD F . -9.45 -15.91 11.22
C1D NAD F . -9.34 -14.60 13.33
N1N NAD F . -8.91 -13.25 12.84
C2N NAD F . -7.66 -12.85 13.15
C3N NAD F . -7.26 -11.58 12.75
C7N NAD F . -5.91 -11.05 13.09
O7N NAD F . -5.51 -10.04 12.24
N7N NAD F . -5.16 -11.43 14.13
C4N NAD F . -8.14 -10.78 11.97
C5N NAD F . -9.43 -11.22 11.67
C6N NAD F . -9.82 -12.48 12.13
#